data_6L2U
#
_entry.id   6L2U
#
_cell.length_a   34.590
_cell.length_b   59.872
_cell.length_c   94.499
_cell.angle_alpha   90.000
_cell.angle_beta   90.000
_cell.angle_gamma   90.000
#
_symmetry.space_group_name_H-M   'P 21 21 21'
#
loop_
_entity.id
_entity.type
_entity.pdbx_description
1 polymer 'Methane monooxygenase'
2 non-polymer 'FLAVIN-ADENINE DINUCLEOTIDE'
3 water water
#
_entity_poly.entity_id   1
_entity_poly.type   'polypeptide(L)'
_entity_poly.pdbx_seq_one_letter_code
;QTNWLAEIVECDRVSSNVVRLLLQPLTADGAAPISLNFAPGQFVDIEIPGTHTRRSYSMASVAEDGRLEFFIRLLPDGAF
SNYLRTQASVGQRVALRGPAGSF
;
_entity_poly.pdbx_strand_id   A,B
#
loop_
_chem_comp.id
_chem_comp.type
_chem_comp.name
_chem_comp.formula
FAD non-polymer 'FLAVIN-ADENINE DINUCLEOTIDE' 'C27 H33 N9 O15 P2'
#
# COMPACT_ATOMS: atom_id res chain seq x y z
N GLN A 1 0.61 20.90 7.48
CA GLN A 1 -0.36 20.25 8.43
C GLN A 1 -0.92 18.96 7.84
N THR A 2 -1.97 19.06 7.02
CA THR A 2 -2.50 17.89 6.32
C THR A 2 -2.31 18.02 4.81
N ASN A 3 -2.11 19.24 4.32
CA ASN A 3 -1.76 19.42 2.92
C ASN A 3 -0.29 19.72 2.79
N TRP A 4 0.37 18.96 1.92
CA TRP A 4 1.81 19.06 1.74
C TRP A 4 2.12 19.28 0.28
N LEU A 5 3.28 19.87 0.03
CA LEU A 5 3.86 19.93 -1.30
C LEU A 5 5.06 18.97 -1.29
N ALA A 6 5.19 18.13 -2.31
CA ALA A 6 6.27 17.16 -2.34
C ALA A 6 6.94 17.13 -3.69
N GLU A 7 8.26 17.03 -3.70
CA GLU A 7 9.00 16.94 -4.95
C GLU A 7 9.24 15.49 -5.33
N ILE A 8 9.05 15.16 -6.60
CA ILE A 8 9.42 13.84 -7.11
C ILE A 8 10.95 13.73 -7.17
N VAL A 9 11.53 12.83 -6.39
CA VAL A 9 12.99 12.70 -6.41
C VAL A 9 13.42 11.43 -7.16
N GLU A 10 12.52 10.47 -7.28
CA GLU A 10 12.73 9.27 -8.09
C GLU A 10 11.40 8.80 -8.65
N CYS A 11 11.41 8.36 -9.91
CA CYS A 11 10.23 7.80 -10.56
C CYS A 11 10.73 6.74 -11.54
N ASP A 12 10.86 5.52 -11.03
CA ASP A 12 11.55 4.45 -11.77
C ASP A 12 10.65 3.27 -12.07
N ARG A 13 10.68 2.78 -13.30
CA ARG A 13 9.98 1.56 -13.65
C ARG A 13 10.80 0.39 -13.16
N VAL A 14 10.23 -0.35 -12.21
CA VAL A 14 10.92 -1.51 -11.64
C VAL A 14 10.26 -2.77 -12.24
N SER A 15 10.29 -3.90 -11.52
CA SER A 15 9.73 -5.13 -12.07
C SER A 15 8.19 -5.14 -12.07
N SER A 16 7.59 -6.01 -12.88
CA SER A 16 6.14 -6.25 -12.90
C SER A 16 5.21 -5.06 -13.14
N ASN A 17 5.58 -4.12 -14.03
CA ASN A 17 4.76 -2.94 -14.37
C ASN A 17 4.48 -2.07 -13.13
N VAL A 18 5.47 -2.00 -12.27
CA VAL A 18 5.38 -1.22 -11.03
C VAL A 18 6.33 -0.04 -11.14
N VAL A 19 5.92 1.10 -10.60
CA VAL A 19 6.78 2.27 -10.46
C VAL A 19 7.20 2.43 -9.00
N ARG A 20 8.49 2.62 -8.78
CA ARG A 20 9.03 3.06 -7.49
C ARG A 20 9.03 4.58 -7.52
N LEU A 21 8.18 5.19 -6.70
CA LEU A 21 8.05 6.64 -6.63
C LEU A 21 8.62 7.09 -5.28
N LEU A 22 9.58 8.01 -5.33
CA LEU A 22 10.16 8.57 -4.12
C LEU A 22 9.85 10.06 -4.10
N LEU A 23 9.15 10.50 -3.05
CA LEU A 23 8.76 11.91 -2.90
C LEU A 23 9.43 12.56 -1.70
N GLN A 24 9.87 13.80 -1.87
CA GLN A 24 10.38 14.57 -0.74
C GLN A 24 9.36 15.63 -0.33
N PRO A 25 8.66 15.43 0.80
CA PRO A 25 7.77 16.49 1.28
C PRO A 25 8.59 17.72 1.60
N LEU A 26 8.10 18.89 1.18
CA LEU A 26 8.87 20.12 1.30
C LEU A 26 8.49 20.84 2.56
N THR A 27 9.49 21.21 3.34
CA THR A 27 9.28 22.02 4.53
C THR A 27 10.28 23.16 4.53
N ALA A 28 10.06 24.12 5.41
CA ALA A 28 11.03 25.17 5.62
C ALA A 28 12.30 24.58 6.22
N ASP A 29 13.44 25.21 5.91
CA ASP A 29 14.70 24.86 6.56
C ASP A 29 14.51 24.95 8.08
N GLY A 30 15.05 23.97 8.79
CA GLY A 30 14.98 23.93 10.26
C GLY A 30 13.68 23.50 10.90
N ALA A 31 12.72 23.01 10.09
CA ALA A 31 11.38 22.63 10.59
C ALA A 31 11.36 21.32 11.38
N ALA A 32 10.22 21.05 12.04
CA ALA A 32 9.99 19.77 12.73
C ALA A 32 10.21 18.60 11.78
N PRO A 33 10.77 17.49 12.29
CA PRO A 33 11.09 16.34 11.43
C PRO A 33 9.85 15.71 10.78
N ILE A 34 9.87 15.63 9.46
CA ILE A 34 8.80 15.03 8.67
C ILE A 34 8.56 13.57 9.08
N SER A 35 9.65 12.85 9.38
CA SER A 35 9.58 11.41 9.57
C SER A 35 8.95 11.00 10.88
N LEU A 36 8.73 11.98 11.78
CA LEU A 36 7.88 11.70 12.91
C LEU A 36 6.40 11.82 12.54
N ASN A 37 6.09 12.54 11.47
CA ASN A 37 4.70 12.79 11.06
C ASN A 37 4.15 11.75 10.08
N PHE A 38 5.04 11.06 9.39
CA PHE A 38 4.69 10.08 8.38
C PHE A 38 5.29 8.76 8.81
N ALA A 39 4.48 7.71 8.82
CA ALA A 39 4.93 6.37 9.22
C ALA A 39 4.61 5.36 8.13
N PRO A 40 5.49 4.35 7.95
CA PRO A 40 5.20 3.29 6.99
C PRO A 40 3.88 2.61 7.27
N GLY A 41 3.14 2.32 6.20
CA GLY A 41 1.85 1.64 6.33
C GLY A 41 0.70 2.64 6.31
N GLN A 42 0.97 3.86 6.72
CA GLN A 42 -0.03 4.92 6.53
C GLN A 42 -0.07 5.30 5.05
N PHE A 43 -1.14 5.97 4.64
CA PHE A 43 -1.30 6.35 3.23
C PHE A 43 -1.47 7.85 3.09
N VAL A 44 -1.19 8.34 1.88
CA VAL A 44 -1.45 9.72 1.52
C VAL A 44 -2.24 9.77 0.22
N ASP A 45 -2.91 10.90 -0.01
CA ASP A 45 -3.70 11.09 -1.24
C ASP A 45 -2.95 12.07 -2.13
N ILE A 46 -2.48 11.59 -3.27
CA ILE A 46 -1.63 12.39 -4.17
C ILE A 46 -2.49 12.90 -5.32
N GLU A 47 -2.36 14.18 -5.66
CA GLU A 47 -3.14 14.75 -6.75
C GLU A 47 -2.33 14.77 -8.04
N ILE A 48 -2.97 14.39 -9.14
CA ILE A 48 -2.35 14.49 -10.46
C ILE A 48 -2.19 15.96 -10.83
N PRO A 49 -0.98 16.39 -11.23
CA PRO A 49 -0.77 17.78 -11.63
C PRO A 49 -1.80 18.28 -12.63
N GLY A 50 -2.35 19.48 -12.37
CA GLY A 50 -3.30 20.11 -13.28
C GLY A 50 -4.73 19.60 -13.17
N THR A 51 -4.99 18.77 -12.16
CA THR A 51 -6.31 18.16 -11.97
C THR A 51 -6.75 18.23 -10.51
N HIS A 52 -7.99 17.79 -10.27
CA HIS A 52 -8.51 17.60 -8.91
C HIS A 52 -8.60 16.10 -8.59
N THR A 53 -7.89 15.29 -9.38
CA THR A 53 -7.93 13.84 -9.27
C THR A 53 -6.89 13.37 -8.26
N ARG A 54 -7.35 12.66 -7.24
CA ARG A 54 -6.46 12.15 -6.19
C ARG A 54 -6.60 10.64 -6.05
N ARG A 55 -5.49 10.00 -5.69
CA ARG A 55 -5.47 8.57 -5.38
C ARG A 55 -4.68 8.33 -4.11
N SER A 56 -5.08 7.31 -3.35
CA SER A 56 -4.39 6.95 -2.11
C SER A 56 -3.25 5.98 -2.39
N TYR A 57 -2.09 6.25 -1.78
CA TYR A 57 -0.94 5.33 -1.87
C TYR A 57 -0.30 5.09 -0.53
N SER A 58 0.09 3.84 -0.29
N SER A 58 0.10 3.84 -0.31
CA SER A 58 0.67 3.44 0.98
CA SER A 58 0.71 3.40 0.94
C SER A 58 2.16 3.71 1.02
C SER A 58 2.19 3.75 0.99
N MET A 59 2.62 4.30 2.12
CA MET A 59 4.04 4.54 2.30
C MET A 59 4.76 3.25 2.67
N ALA A 60 5.62 2.77 1.77
CA ALA A 60 6.38 1.54 2.04
C ALA A 60 7.46 1.75 3.10
N SER A 61 8.06 2.93 3.07
CA SER A 61 9.20 3.23 3.92
C SER A 61 9.41 4.73 3.91
N VAL A 62 9.98 5.22 5.00
CA VAL A 62 10.12 6.67 5.23
C VAL A 62 11.55 6.91 5.72
N ALA A 63 12.25 7.83 5.04
CA ALA A 63 13.61 8.22 5.41
C ALA A 63 13.58 9.18 6.59
N GLU A 64 14.68 9.27 7.32
CA GLU A 64 14.73 10.23 8.44
C GLU A 64 14.39 11.67 8.01
N ASP A 65 14.78 12.05 6.79
CA ASP A 65 14.51 13.41 6.27
C ASP A 65 13.13 13.55 5.65
N GLY A 66 12.34 12.48 5.71
CA GLY A 66 10.97 12.54 5.25
C GLY A 66 10.71 12.03 3.85
N ARG A 67 11.75 11.62 3.11
CA ARG A 67 11.49 10.98 1.81
C ARG A 67 10.55 9.79 1.97
N LEU A 68 9.52 9.78 1.15
CA LEU A 68 8.47 8.77 1.18
C LEU A 68 8.59 7.89 -0.05
N GLU A 69 8.55 6.57 0.14
CA GLU A 69 8.62 5.63 -0.97
C GLU A 69 7.28 4.91 -1.17
N PHE A 70 6.86 4.84 -2.43
CA PHE A 70 5.65 4.14 -2.84
C PHE A 70 5.98 3.17 -3.96
N PHE A 71 5.26 2.06 -4.02
CA PHE A 71 5.32 1.14 -5.16
C PHE A 71 3.94 1.10 -5.73
N ILE A 72 3.84 1.54 -6.99
CA ILE A 72 2.53 1.78 -7.63
C ILE A 72 2.42 0.91 -8.88
N ARG A 73 1.41 0.04 -8.89
CA ARG A 73 1.14 -0.80 -10.04
C ARG A 73 0.47 0.04 -11.13
N LEU A 74 1.04 0.04 -12.33
CA LEU A 74 0.42 0.73 -13.45
C LEU A 74 -0.73 -0.10 -14.01
N LEU A 75 -1.94 0.45 -13.95
CA LEU A 75 -3.08 -0.19 -14.58
C LEU A 75 -3.25 0.31 -16.00
N PRO A 76 -3.75 -0.54 -16.89
CA PRO A 76 -4.02 -0.07 -18.24
C PRO A 76 -5.12 1.03 -18.15
N ASP A 77 -4.86 2.19 -18.72
CA ASP A 77 -5.80 3.31 -18.75
C ASP A 77 -6.28 3.91 -17.42
N GLY A 78 -5.52 3.72 -16.36
CA GLY A 78 -5.88 4.40 -15.12
C GLY A 78 -5.39 5.83 -15.13
N ALA A 79 -6.07 6.72 -14.40
CA ALA A 79 -5.70 8.14 -14.39
C ALA A 79 -4.29 8.36 -13.81
N PHE A 80 -4.06 7.90 -12.57
CA PHE A 80 -2.75 8.09 -11.97
C PHE A 80 -1.70 7.24 -12.67
N SER A 81 -2.11 6.05 -13.10
CA SER A 81 -1.23 5.16 -13.87
C SER A 81 -0.73 5.84 -15.13
N ASN A 82 -1.64 6.46 -15.86
CA ASN A 82 -1.28 7.12 -17.11
C ASN A 82 -0.32 8.28 -16.83
N TYR A 83 -0.55 9.01 -15.73
CA TYR A 83 0.33 10.07 -15.32
C TYR A 83 1.74 9.54 -15.05
N LEU A 84 1.85 8.48 -14.25
CA LEU A 84 3.18 7.92 -13.95
C LEU A 84 3.86 7.36 -15.17
N ARG A 85 3.07 6.75 -16.05
CA ARG A 85 3.61 6.05 -17.20
C ARG A 85 4.33 7.00 -18.15
N THR A 86 3.73 8.16 -18.40
CA THR A 86 4.23 9.03 -19.48
C THR A 86 4.46 10.50 -19.14
N GLN A 87 3.90 10.99 -18.04
CA GLN A 87 3.98 12.42 -17.72
C GLN A 87 4.87 12.79 -16.52
N ALA A 88 4.86 11.94 -15.49
CA ALA A 88 5.60 12.24 -14.27
C ALA A 88 7.10 12.32 -14.53
N SER A 89 7.77 13.28 -13.90
CA SER A 89 9.22 13.40 -14.04
C SER A 89 9.85 13.89 -12.74
N VAL A 90 11.09 13.47 -12.52
CA VAL A 90 11.88 13.94 -11.39
C VAL A 90 11.94 15.46 -11.42
N GLY A 91 11.67 16.07 -10.27
CA GLY A 91 11.67 17.53 -10.16
C GLY A 91 10.29 18.16 -10.11
N GLN A 92 9.27 17.44 -10.60
CA GLN A 92 7.89 17.92 -10.48
C GLN A 92 7.49 17.99 -9.01
N ARG A 93 6.64 18.97 -8.70
CA ARG A 93 6.07 19.09 -7.36
C ARG A 93 4.60 18.75 -7.40
N VAL A 94 4.19 17.90 -6.47
CA VAL A 94 2.81 17.41 -6.41
C VAL A 94 2.22 17.73 -5.04
N ALA A 95 0.90 17.90 -5.02
CA ALA A 95 0.14 18.09 -3.79
C ALA A 95 -0.20 16.73 -3.19
N LEU A 96 0.01 16.57 -1.89
CA LEU A 96 -0.51 15.38 -1.23
C LEU A 96 -1.14 15.72 0.11
N ARG A 97 -2.15 14.94 0.47
CA ARG A 97 -2.90 15.15 1.69
C ARG A 97 -2.74 13.92 2.56
N GLY A 98 -2.53 14.14 3.84
CA GLY A 98 -2.37 13.03 4.78
C GLY A 98 -1.31 13.38 5.80
N PRO A 99 -0.76 12.38 6.48
CA PRO A 99 -1.07 10.97 6.30
C PRO A 99 -2.35 10.51 6.99
N ALA A 100 -2.88 9.35 6.59
CA ALA A 100 -4.03 8.73 7.24
C ALA A 100 -3.78 7.23 7.47
N GLY A 101 -4.50 6.64 8.42
CA GLY A 101 -4.34 5.23 8.74
C GLY A 101 -5.68 4.53 8.91
N SER A 102 -6.75 5.19 8.44
CA SER A 102 -8.11 4.70 8.63
C SER A 102 -9.07 5.43 7.69
N PHE A 103 -10.27 4.87 7.59
CA PHE A 103 -11.37 5.47 6.82
C PHE A 103 -12.52 5.85 7.75
N GLN B 1 8.53 -18.79 5.73
CA GLN B 1 9.69 -17.91 5.37
C GLN B 1 9.28 -16.82 4.38
N THR B 2 9.00 -17.20 3.14
CA THR B 2 8.40 -16.27 2.17
C THR B 2 7.04 -16.76 1.65
N ASN B 3 6.68 -18.00 1.94
CA ASN B 3 5.34 -18.48 1.61
C ASN B 3 4.56 -18.76 2.89
N TRP B 4 3.39 -18.14 3.00
CA TRP B 4 2.59 -18.18 4.22
C TRP B 4 1.16 -18.56 3.88
N LEU B 5 0.46 -19.08 4.88
CA LEU B 5 -0.99 -19.22 4.83
C LEU B 5 -1.60 -18.27 5.84
N ALA B 6 -2.72 -17.66 5.48
CA ALA B 6 -3.38 -16.77 6.41
C ALA B 6 -4.88 -16.97 6.33
N GLU B 7 -5.56 -16.70 7.44
CA GLU B 7 -7.00 -16.84 7.50
C GLU B 7 -7.67 -15.47 7.51
N ILE B 8 -8.72 -15.32 6.72
CA ILE B 8 -9.49 -14.07 6.75
C ILE B 8 -10.20 -13.94 8.09
N VAL B 9 -9.90 -12.86 8.81
CA VAL B 9 -10.51 -12.50 10.10
C VAL B 9 -11.62 -11.47 9.91
N GLU B 10 -11.46 -10.58 8.93
CA GLU B 10 -12.45 -9.54 8.63
C GLU B 10 -12.37 -9.18 7.16
N CYS B 11 -13.52 -8.93 6.54
CA CYS B 11 -13.57 -8.42 5.19
C CYS B 11 -14.84 -7.57 5.06
N ASP B 12 -14.68 -6.27 5.36
CA ASP B 12 -15.80 -5.34 5.54
C ASP B 12 -15.59 -4.07 4.73
N ARG B 13 -16.68 -3.44 4.32
CA ARG B 13 -16.59 -2.10 3.75
C ARG B 13 -16.22 -1.06 4.80
N VAL B 14 -15.34 -0.15 4.42
CA VAL B 14 -15.08 1.05 5.22
C VAL B 14 -15.35 2.36 4.48
N SER B 15 -15.80 2.23 3.23
CA SER B 15 -16.34 3.36 2.45
C SER B 15 -17.14 2.75 1.30
N SER B 16 -17.65 3.59 0.39
CA SER B 16 -18.45 3.08 -0.73
C SER B 16 -17.66 2.10 -1.60
N ASN B 17 -16.34 2.24 -1.63
CA ASN B 17 -15.53 1.41 -2.52
C ASN B 17 -14.21 0.94 -1.97
N VAL B 18 -14.03 1.00 -0.66
CA VAL B 18 -12.82 0.45 -0.02
C VAL B 18 -13.21 -0.61 1.00
N VAL B 19 -12.48 -1.73 1.00
CA VAL B 19 -12.65 -2.83 1.96
C VAL B 19 -11.46 -2.87 2.93
N ARG B 20 -11.74 -3.11 4.20
CA ARG B 20 -10.70 -3.47 5.15
C ARG B 20 -10.64 -4.98 5.17
N LEU B 21 -9.47 -5.53 4.83
CA LEU B 21 -9.20 -6.96 4.90
C LEU B 21 -8.24 -7.21 6.04
N LEU B 22 -8.65 -8.04 7.01
CA LEU B 22 -7.78 -8.43 8.12
C LEU B 22 -7.44 -9.90 7.97
N LEU B 23 -6.14 -10.21 7.96
CA LEU B 23 -5.68 -11.60 7.83
C LEU B 23 -4.88 -12.02 9.04
N GLN B 24 -5.08 -13.27 9.47
CA GLN B 24 -4.23 -13.82 10.54
C GLN B 24 -3.30 -14.87 9.95
N PRO B 25 -1.99 -14.55 9.87
CA PRO B 25 -1.05 -15.57 9.40
C PRO B 25 -1.06 -16.79 10.32
N LEU B 26 -0.92 -17.97 9.73
CA LEU B 26 -0.90 -19.22 10.48
C LEU B 26 0.53 -19.69 10.66
N THR B 27 0.84 -20.12 11.88
CA THR B 27 2.17 -20.64 12.14
C THR B 27 2.09 -21.88 13.03
N ALA B 28 3.19 -22.62 13.11
CA ALA B 28 3.27 -23.75 14.02
C ALA B 28 3.23 -23.26 15.46
N ASP B 29 2.57 -24.02 16.33
CA ASP B 29 2.64 -23.72 17.76
C ASP B 29 4.09 -23.66 18.20
N GLY B 30 4.43 -22.67 19.01
CA GLY B 30 5.79 -22.56 19.53
C GLY B 30 6.78 -21.88 18.59
N ALA B 31 6.33 -21.44 17.43
CA ALA B 31 7.18 -20.72 16.48
C ALA B 31 7.45 -19.29 16.96
N ALA B 32 8.39 -18.65 16.28
CA ALA B 32 8.72 -17.24 16.54
C ALA B 32 7.49 -16.36 16.34
N PRO B 33 7.42 -15.23 17.07
CA PRO B 33 6.30 -14.29 16.93
C PRO B 33 6.07 -13.89 15.48
N ILE B 34 4.81 -13.92 15.06
CA ILE B 34 4.46 -13.57 13.71
C ILE B 34 4.84 -12.12 13.40
N SER B 35 4.69 -11.25 14.40
CA SER B 35 5.01 -9.83 14.26
C SER B 35 6.49 -9.58 13.92
N LEU B 36 7.34 -10.57 14.14
CA LEU B 36 8.74 -10.48 13.76
C LEU B 36 8.99 -10.62 12.25
N ASN B 37 7.98 -11.14 11.53
CA ASN B 37 8.12 -11.43 10.10
C ASN B 37 7.49 -10.38 9.19
N PHE B 38 6.66 -9.53 9.78
CA PHE B 38 5.82 -8.60 9.01
C PHE B 38 5.87 -7.23 9.67
N ALA B 39 6.08 -6.19 8.86
CA ALA B 39 6.08 -4.81 9.35
C ALA B 39 5.17 -3.93 8.50
N PRO B 40 4.52 -2.93 9.12
CA PRO B 40 3.67 -2.03 8.34
C PRO B 40 4.45 -1.36 7.20
N GLY B 41 3.81 -1.21 6.06
CA GLY B 41 4.45 -0.59 4.89
C GLY B 41 5.05 -1.63 3.95
N GLN B 42 5.49 -2.77 4.49
CA GLN B 42 5.85 -3.87 3.62
C GLN B 42 4.58 -4.40 2.95
N PHE B 43 4.77 -5.10 1.86
CA PHE B 43 3.63 -5.67 1.15
C PHE B 43 3.74 -7.18 1.04
N VAL B 44 2.58 -7.81 0.84
CA VAL B 44 2.52 -9.23 0.52
C VAL B 44 1.77 -9.45 -0.81
N ASP B 45 2.08 -10.54 -1.51
CA ASP B 45 1.37 -10.91 -2.73
C ASP B 45 0.37 -11.99 -2.37
N ILE B 46 -0.91 -11.66 -2.44
CA ILE B 46 -1.98 -12.56 -2.03
C ILE B 46 -2.53 -13.27 -3.27
N GLU B 47 -2.63 -14.59 -3.22
CA GLU B 47 -3.17 -15.38 -4.32
C GLU B 47 -4.67 -15.53 -4.17
N ILE B 48 -5.40 -15.31 -5.26
CA ILE B 48 -6.84 -15.56 -5.26
C ILE B 48 -7.07 -17.07 -5.20
N PRO B 49 -7.83 -17.54 -4.18
CA PRO B 49 -8.11 -18.99 -4.07
C PRO B 49 -8.60 -19.60 -5.37
N GLY B 50 -8.03 -20.78 -5.70
CA GLY B 50 -8.41 -21.50 -6.91
C GLY B 50 -7.73 -21.01 -8.18
N THR B 51 -6.75 -20.13 -8.03
CA THR B 51 -6.06 -19.53 -9.18
C THR B 51 -4.55 -19.40 -8.94
N HIS B 52 -3.82 -19.00 -9.97
CA HIS B 52 -2.42 -18.58 -9.81
C HIS B 52 -2.29 -17.07 -9.99
N THR B 53 -3.38 -16.37 -9.72
CA THR B 53 -3.45 -14.91 -9.83
C THR B 53 -3.08 -14.28 -8.49
N ARG B 54 -2.07 -13.41 -8.51
CA ARG B 54 -1.64 -12.73 -7.28
C ARG B 54 -1.69 -11.23 -7.43
N ARG B 55 -1.99 -10.55 -6.32
CA ARG B 55 -1.90 -9.10 -6.26
C ARG B 55 -1.19 -8.67 -5.00
N SER B 56 -0.43 -7.59 -5.10
CA SER B 56 0.31 -7.03 -3.97
C SER B 56 -0.55 -6.07 -3.15
N TYR B 57 -0.50 -6.18 -1.83
CA TYR B 57 -1.18 -5.24 -0.95
C TYR B 57 -0.27 -4.81 0.20
N SER B 58 -0.37 -3.53 0.56
N SER B 58 -0.29 -3.52 0.52
CA SER B 58 0.43 -2.94 1.62
CA SER B 58 0.54 -2.96 1.59
C SER B 58 -0.16 -3.20 2.98
C SER B 58 -0.12 -3.16 2.95
N MET B 59 0.69 -3.56 3.92
CA MET B 59 0.21 -3.79 5.28
C MET B 59 0.11 -2.45 5.99
N ALA B 60 -1.12 -2.03 6.27
CA ALA B 60 -1.36 -0.77 6.96
C ALA B 60 -0.96 -0.85 8.44
N SER B 61 -1.13 -2.04 9.03
CA SER B 61 -0.75 -2.28 10.40
C SER B 61 -0.52 -3.77 10.61
N VAL B 62 0.27 -4.06 11.64
CA VAL B 62 0.54 -5.42 12.07
C VAL B 62 0.29 -5.43 13.58
N ALA B 63 -0.69 -6.20 14.02
CA ALA B 63 -1.11 -6.23 15.42
C ALA B 63 -0.15 -7.06 16.26
N GLU B 64 -0.25 -6.92 17.58
CA GLU B 64 0.61 -7.67 18.51
C GLU B 64 0.56 -9.16 18.24
N ASP B 65 -0.61 -9.67 17.89
CA ASP B 65 -0.81 -11.09 17.64
C ASP B 65 -0.51 -11.49 16.19
N GLY B 66 -0.05 -10.53 15.38
CA GLY B 66 0.35 -10.80 14.00
C GLY B 66 -0.69 -10.52 12.94
N ARG B 67 -1.89 -10.10 13.36
CA ARG B 67 -2.97 -9.76 12.41
C ARG B 67 -2.52 -8.66 11.45
N LEU B 68 -2.75 -8.89 10.15
CA LEU B 68 -2.33 -7.95 9.10
C LEU B 68 -3.54 -7.22 8.56
N GLU B 69 -3.44 -5.89 8.46
CA GLU B 69 -4.54 -5.05 7.99
C GLU B 69 -4.23 -4.46 6.62
N PHE B 70 -5.20 -4.56 5.72
CA PHE B 70 -5.11 -3.98 4.38
C PHE B 70 -6.34 -3.16 4.09
N PHE B 71 -6.15 -2.05 3.36
CA PHE B 71 -7.25 -1.26 2.80
C PHE B 71 -7.19 -1.38 1.30
N ILE B 72 -8.25 -1.94 0.71
CA ILE B 72 -8.24 -2.27 -0.70
C ILE B 72 -9.36 -1.56 -1.45
N ARG B 73 -8.99 -0.76 -2.44
CA ARG B 73 -9.96 -0.10 -3.32
C ARG B 73 -10.56 -1.13 -4.30
N LEU B 74 -11.88 -1.27 -4.29
CA LEU B 74 -12.56 -2.15 -5.24
C LEU B 74 -12.65 -1.50 -6.61
N LEU B 75 -12.14 -2.19 -7.63
CA LEU B 75 -12.25 -1.70 -9.01
C LEU B 75 -13.25 -2.51 -9.79
N PRO B 76 -13.97 -1.85 -10.74
CA PRO B 76 -14.90 -2.61 -11.55
C PRO B 76 -14.15 -3.66 -12.38
N ASP B 77 -14.63 -4.89 -12.37
CA ASP B 77 -14.06 -5.98 -13.18
C ASP B 77 -12.62 -6.37 -12.82
N GLY B 78 -12.15 -5.95 -11.65
CA GLY B 78 -10.82 -6.38 -11.20
C GLY B 78 -10.86 -7.81 -10.69
N ALA B 79 -9.77 -8.55 -10.87
CA ALA B 79 -9.73 -9.95 -10.44
C ALA B 79 -9.85 -10.05 -8.91
N PHE B 80 -8.99 -9.35 -8.20
CA PHE B 80 -9.00 -9.43 -6.75
C PHE B 80 -10.24 -8.73 -6.21
N SER B 81 -10.62 -7.63 -6.85
CA SER B 81 -11.85 -6.92 -6.48
C SER B 81 -13.07 -7.83 -6.59
N ASN B 82 -13.16 -8.59 -7.68
CA ASN B 82 -14.27 -9.55 -7.83
C ASN B 82 -14.24 -10.62 -6.76
N TYR B 83 -13.05 -11.10 -6.43
CA TYR B 83 -12.89 -12.08 -5.38
C TYR B 83 -13.43 -11.53 -4.04
N LEU B 84 -13.06 -10.31 -3.71
CA LEU B 84 -13.53 -9.73 -2.44
C LEU B 84 -15.05 -9.55 -2.42
N ARG B 85 -15.63 -9.21 -3.57
CA ARG B 85 -17.06 -8.97 -3.67
C ARG B 85 -17.89 -10.26 -3.64
N THR B 86 -17.36 -11.35 -4.21
CA THR B 86 -18.20 -12.52 -4.49
C THR B 86 -17.82 -13.81 -3.78
N GLN B 87 -16.59 -13.89 -3.29
CA GLN B 87 -16.05 -15.16 -2.81
C GLN B 87 -15.40 -15.09 -1.44
N ALA B 88 -14.72 -14.00 -1.12
CA ALA B 88 -14.00 -13.89 0.15
C ALA B 88 -14.95 -14.01 1.33
N SER B 89 -14.56 -14.80 2.33
CA SER B 89 -15.34 -14.91 3.56
C SER B 89 -14.44 -15.14 4.76
N VAL B 90 -14.91 -14.68 5.92
CA VAL B 90 -14.23 -14.93 7.18
C VAL B 90 -14.01 -16.44 7.35
N GLY B 91 -12.77 -16.83 7.65
CA GLY B 91 -12.42 -18.24 7.81
C GLY B 91 -11.70 -18.83 6.61
N GLN B 92 -11.85 -18.22 5.44
CA GLN B 92 -11.16 -18.70 4.26
C GLN B 92 -9.66 -18.55 4.43
N ARG B 93 -8.91 -19.54 3.95
CA ARG B 93 -7.46 -19.49 3.99
C ARG B 93 -6.91 -19.09 2.63
N VAL B 94 -5.98 -18.14 2.65
CA VAL B 94 -5.35 -17.66 1.43
C VAL B 94 -3.82 -17.79 1.53
N ALA B 95 -3.19 -17.96 0.38
CA ALA B 95 -1.74 -18.03 0.28
C ALA B 95 -1.15 -16.64 0.08
N LEU B 96 -0.10 -16.33 0.84
CA LEU B 96 0.59 -15.04 0.79
C LEU B 96 2.06 -15.27 0.49
N ARG B 97 2.66 -14.44 -0.38
CA ARG B 97 4.10 -14.50 -0.63
C ARG B 97 4.71 -13.18 -0.20
N GLY B 98 5.82 -13.26 0.53
CA GLY B 98 6.45 -12.08 1.09
C GLY B 98 6.72 -12.29 2.58
N PRO B 99 6.82 -11.20 3.36
CA PRO B 99 6.63 -9.84 2.89
C PRO B 99 7.83 -9.32 2.11
N ALA B 100 7.65 -8.20 1.42
CA ALA B 100 8.70 -7.56 0.65
C ALA B 100 8.64 -6.06 0.85
N GLY B 101 9.75 -5.37 0.58
CA GLY B 101 9.80 -3.92 0.69
C GLY B 101 10.19 -3.21 -0.59
N SER B 102 10.32 -3.95 -1.69
CA SER B 102 10.61 -3.37 -3.00
C SER B 102 10.28 -4.31 -4.16
N PHE B 103 10.06 -3.74 -5.34
CA PHE B 103 9.90 -4.48 -6.61
C PHE B 103 11.14 -4.30 -7.48
PA FAD C . -8.28 4.63 -12.15
O1A FAD C . -8.37 5.89 -12.98
O2A FAD C . -8.90 4.62 -10.79
O5B FAD C . -8.89 3.44 -13.04
C5B FAD C . -8.64 2.07 -12.69
C4B FAD C . -9.11 1.09 -13.78
O4B FAD C . -10.52 1.14 -13.93
C3B FAD C . -8.52 1.27 -15.18
O3B FAD C . -7.83 0.06 -15.56
C2B FAD C . -9.72 1.45 -16.09
O2B FAD C . -9.52 0.84 -17.37
C1B FAD C . -10.79 0.76 -15.28
N9A FAD C . -12.20 1.11 -15.53
C8A FAD C . -12.77 2.32 -15.42
N7A FAD C . -14.10 2.23 -15.69
C5A FAD C . -14.37 0.93 -15.93
C6A FAD C . -15.56 0.13 -16.26
N6A FAD C . -16.76 0.72 -16.39
N1A FAD C . -15.39 -1.21 -16.43
C2A FAD C . -14.20 -1.83 -16.31
N3A FAD C . -13.07 -1.16 -15.99
C4A FAD C . -13.11 0.19 -15.80
N1 FAD C . -2.08 1.18 -5.35
C2 FAD C . -0.78 0.91 -5.53
O2 FAD C . -0.38 0.56 -6.67
N3 FAD C . 0.13 0.99 -4.53
C4 FAD C . -0.20 1.33 -3.27
O4 FAD C . 0.63 1.43 -2.35
C4X FAD C . -1.62 1.58 -2.98
N5 FAD C . -2.05 1.93 -1.74
C5X FAD C . -3.37 2.16 -1.53
C6 FAD C . -3.82 2.50 -0.26
C7 FAD C . -5.15 2.75 -0.01
C7M FAD C . -5.60 3.11 1.38
C8 FAD C . -6.13 2.65 -1.11
C8M FAD C . -7.58 2.93 -0.85
C9 FAD C . -5.69 2.33 -2.39
C9A FAD C . -4.34 2.09 -2.64
N10 FAD C . -3.88 1.75 -3.94
C10 FAD C . -2.53 1.49 -4.12
C1' FAD C . -4.75 1.72 -5.11
C2' FAD C . -4.72 3.17 -5.72
O2' FAD C . -5.30 4.17 -4.87
C3' FAD C . -5.42 3.31 -7.08
O3' FAD C . -6.70 2.67 -6.95
C4' FAD C . -4.68 2.68 -8.26
O4' FAD C . -3.36 3.26 -8.35
C5' FAD C . -5.43 2.88 -9.59
O5' FAD C . -5.58 4.28 -9.81
P FAD C . -5.55 4.90 -11.28
O1P FAD C . -5.84 6.35 -11.13
O2P FAD C . -4.33 4.48 -12.01
O3P FAD C . -6.76 4.15 -12.05
PA FAD D . -7.14 -6.09 -12.06
O1A FAD D . -7.65 -7.44 -12.43
O2A FAD D . -5.65 -5.85 -12.09
O5B FAD D . -7.89 -5.06 -12.98
C5B FAD D . -7.67 -3.67 -12.75
C4B FAD D . -8.50 -2.85 -13.73
O4B FAD D . -7.96 -3.04 -15.03
C3B FAD D . -9.96 -3.30 -13.82
O3B FAD D . -10.78 -2.15 -13.68
C2B FAD D . -10.08 -3.90 -15.21
O2B FAD D . -11.34 -3.74 -15.84
C1B FAD D . -9.05 -3.08 -15.95
N9A FAD D . -8.51 -3.65 -17.18
C8A FAD D . -8.09 -4.91 -17.40
N7A FAD D . -7.61 -5.04 -18.65
C5A FAD D . -7.70 -3.82 -19.23
C6A FAD D . -7.33 -3.29 -20.53
N6A FAD D . -6.78 -4.11 -21.45
N1A FAD D . -7.58 -1.99 -20.75
C2A FAD D . -8.15 -1.21 -19.81
N3A FAD D . -8.50 -1.62 -18.58
C4A FAD D . -8.29 -2.91 -18.26
N1 FAD D . -4.20 -1.58 -3.85
C2 FAD D . -4.97 -1.27 -2.78
O2 FAD D . -6.18 -1.06 -2.98
N3 FAD D . -4.47 -1.20 -1.54
C4 FAD D . -3.18 -1.39 -1.24
O4 FAD D . -2.71 -1.34 -0.08
C4X FAD D . -2.26 -1.70 -2.34
N5 FAD D . -0.94 -1.90 -2.13
C5X FAD D . -0.12 -2.18 -3.18
C6 FAD D . 1.22 -2.39 -2.93
C7 FAD D . 2.07 -2.68 -3.98
C7M FAD D . 3.54 -2.93 -3.74
C8 FAD D . 1.54 -2.79 -5.35
C8M FAD D . 2.46 -3.10 -6.50
C9 FAD D . 0.19 -2.60 -5.60
C9A FAD D . -0.67 -2.30 -4.54
N10 FAD D . -2.07 -2.09 -4.75
C10 FAD D . -2.88 -1.77 -3.67
C1' FAD D . -2.72 -2.23 -6.05
C2' FAD D . -3.17 -3.72 -6.16
O2' FAD D . -2.06 -4.65 -6.22
C3' FAD D . -4.05 -4.03 -7.38
O3' FAD D . -3.46 -3.45 -8.56
C4' FAD D . -5.48 -3.53 -7.25
O4' FAD D . -6.09 -4.07 -6.06
C5' FAD D . -6.34 -3.95 -8.46
O5' FAD D . -6.29 -5.37 -8.61
P FAD D . -7.54 -6.21 -9.16
O1P FAD D . -7.08 -7.63 -9.25
O2P FAD D . -8.80 -5.87 -8.44
O3P FAD D . -7.75 -5.61 -10.64
#